data_6SCM
#
_entry.id   6SCM
#
_cell.length_a   38.007
_cell.length_b   78.74
_cell.length_c   168.924
_cell.angle_alpha   90
_cell.angle_beta   90
_cell.angle_gamma   90
#
_symmetry.space_group_name_H-M   'P 21 21 21'
#
loop_
_entity.id
_entity.type
_entity.pdbx_description
1 polymer 'Son of sevenless homolog 1'
2 non-polymer IMIDAZOLE
3 non-polymer 1,2-ETHANEDIOL
4 non-polymer ~{N}-[(1~{R})-1-[3-azanyl-5-(trifluoromethyl)phenyl]ethyl]-7-methoxy-2-methyl-6-[(3~{S})-oxolan-3-yl]oxy-quinazolin-4-amine
5 water water
#
_entity_poly.entity_id   1
_entity_poly.type   'polypeptide(L)'
_entity_poly.pdbx_seq_one_letter_code
;GEEQMRLPSADVYRFAEPDSEENIIFEENMQPKAGIPIIKAGTVIKLIERLTYHMYADPNFVRTFLTTYRSFCKPQELLS
LIIERFEIPEPEPTEADRIAIENGDQPLSAELKRFRKEYIQPVQLRVLNVCRHWVEHHFYDFERDAYLLQRMEEFIGTVR
GKAMKKWVESITKIIQRKKIARDNGPGHNITFQSSPPTVEWHISRPGHIETFDLLTLHPIEIARQLTLLESDLYRAVQPS
ELVGSVWTKEDKEINSPNLLKMIRHTTNLTLWFEKCIVETENLEERVAVVSRIIEILQVFQELNNFNGVLEVVSAMNSSP
VYRLDHTFEQIPSRQKKILEEAHELSEDHYKKYLAKLRSINPPCVPFFGIYLTNILKTEEGNPEVLKRHGKELINFSKRR
KVAEITGEIQQYQNQPYCLRVESDIKRFFENLNPMGNSMEKEFTDYLFNKSLEIEPRNPKPLPRFPKKYSYPLKSPGVRP
SNPRPGT
;
_entity_poly.pdbx_strand_id   A
#
# COMPACT_ATOMS: atom_id res chain seq x y z
N GLU A 2 -15.59 -39.04 -20.38
CA GLU A 2 -16.74 -38.31 -20.92
C GLU A 2 -16.74 -36.88 -20.43
N GLU A 3 -15.59 -36.19 -20.55
CA GLU A 3 -15.30 -34.84 -20.04
C GLU A 3 -16.53 -33.97 -19.66
N GLN A 4 -17.21 -33.33 -20.62
CA GLN A 4 -18.28 -32.39 -20.28
C GLN A 4 -19.42 -33.04 -19.51
N MET A 5 -19.93 -32.36 -18.48
CA MET A 5 -20.96 -32.85 -17.58
C MET A 5 -22.22 -32.07 -17.81
N ARG A 6 -23.38 -32.63 -17.46
CA ARG A 6 -24.63 -31.89 -17.55
C ARG A 6 -24.77 -31.07 -16.25
N LEU A 7 -24.95 -29.76 -16.36
CA LEU A 7 -25.05 -28.80 -15.25
C LEU A 7 -26.53 -28.31 -15.00
N PRO A 8 -26.86 -27.69 -13.83
CA PRO A 8 -28.20 -27.04 -13.61
C PRO A 8 -28.40 -25.95 -14.66
N SER A 9 -29.64 -25.50 -14.91
CA SER A 9 -29.82 -24.40 -15.86
C SER A 9 -29.48 -23.06 -15.21
N ALA A 10 -29.16 -22.06 -16.04
CA ALA A 10 -28.76 -20.73 -15.55
C ALA A 10 -29.88 -20.00 -14.85
N ASP A 11 -31.14 -20.41 -15.04
CA ASP A 11 -32.25 -19.82 -14.31
C ASP A 11 -32.22 -20.20 -12.82
N VAL A 12 -31.58 -21.35 -12.45
CA VAL A 12 -31.37 -21.77 -11.06
C VAL A 12 -29.90 -21.70 -10.60
N TYR A 13 -28.94 -21.63 -11.54
CA TYR A 13 -27.52 -21.53 -11.23
C TYR A 13 -26.78 -20.64 -12.23
N ARG A 14 -26.59 -19.37 -11.89
CA ARG A 14 -25.96 -18.36 -12.76
C ARG A 14 -24.57 -18.69 -13.30
N PHE A 15 -23.78 -19.50 -12.60
CA PHE A 15 -22.42 -19.86 -13.01
C PHE A 15 -22.39 -20.90 -14.15
N ALA A 16 -23.55 -21.45 -14.50
CA ALA A 16 -23.73 -22.45 -15.56
C ALA A 16 -23.76 -21.84 -16.99
N GLU A 17 -23.92 -20.51 -17.14
CA GLU A 17 -23.87 -19.87 -18.47
C GLU A 17 -22.51 -20.23 -19.22
N PRO A 18 -22.52 -20.72 -20.51
CA PRO A 18 -21.26 -21.09 -21.24
C PRO A 18 -20.25 -19.94 -21.44
N ASP A 19 -18.93 -20.25 -21.59
CA ASP A 19 -17.93 -19.23 -21.87
C ASP A 19 -18.16 -18.71 -23.27
N SER A 20 -18.05 -17.40 -23.46
CA SER A 20 -18.14 -16.80 -24.78
C SER A 20 -17.36 -15.49 -24.79
N GLU A 21 -17.30 -14.82 -25.92
CA GLU A 21 -16.57 -13.55 -26.05
C GLU A 21 -17.31 -12.41 -25.32
N GLU A 22 -18.60 -12.60 -25.09
CA GLU A 22 -19.45 -11.69 -24.33
C GLU A 22 -19.14 -11.69 -22.82
N ASN A 23 -18.47 -12.73 -22.29
CA ASN A 23 -18.25 -12.77 -20.83
C ASN A 23 -16.86 -13.20 -20.34
N ILE A 24 -15.96 -13.71 -21.19
CA ILE A 24 -14.60 -14.06 -20.76
C ILE A 24 -13.61 -14.06 -21.94
N ILE A 25 -12.43 -13.45 -21.77
CA ILE A 25 -11.36 -13.40 -22.78
C ILE A 25 -10.10 -13.85 -22.06
N PHE A 26 -9.27 -14.68 -22.68
CA PHE A 26 -7.99 -15.13 -22.10
C PHE A 26 -6.84 -14.51 -22.85
N GLU A 27 -5.67 -14.51 -22.20
CA GLU A 27 -4.43 -14.01 -22.78
C GLU A 27 -3.86 -15.09 -23.65
N GLU A 28 -3.19 -14.73 -24.72
CA GLU A 28 -2.53 -15.67 -25.60
C GLU A 28 -1.09 -15.23 -25.72
N ASN A 29 -0.17 -16.16 -25.98
CA ASN A 29 1.27 -15.85 -26.10
C ASN A 29 1.84 -15.13 -24.85
N MET A 30 1.25 -15.42 -23.66
CA MET A 30 1.64 -14.82 -22.38
C MET A 30 2.40 -15.86 -21.54
N ILE A 36 -2.27 -23.22 -17.24
CA ILE A 36 -3.48 -22.52 -16.79
C ILE A 36 -3.77 -21.28 -17.72
N PRO A 37 -4.98 -21.17 -18.34
CA PRO A 37 -5.35 -20.01 -19.18
C PRO A 37 -5.39 -18.76 -18.25
N ILE A 38 -4.79 -17.65 -18.67
CA ILE A 38 -4.64 -16.43 -17.87
C ILE A 38 -5.74 -15.52 -18.32
N ILE A 39 -6.57 -15.03 -17.41
CA ILE A 39 -7.73 -14.22 -17.75
C ILE A 39 -7.34 -12.80 -18.10
N LYS A 40 -7.72 -12.32 -19.29
CA LYS A 40 -7.49 -10.93 -19.66
C LYS A 40 -8.67 -10.11 -19.18
N ALA A 41 -9.89 -10.57 -19.48
CA ALA A 41 -11.11 -9.89 -19.07
C ALA A 41 -12.27 -10.82 -18.87
N GLY A 42 -13.30 -10.31 -18.22
CA GLY A 42 -14.51 -11.07 -17.95
C GLY A 42 -15.51 -10.38 -17.06
N THR A 43 -16.74 -10.86 -17.01
CA THR A 43 -17.77 -10.29 -16.13
C THR A 43 -17.42 -10.74 -14.73
N VAL A 44 -18.02 -10.14 -13.70
CA VAL A 44 -17.70 -10.55 -12.33
C VAL A 44 -18.13 -12.00 -12.12
N ILE A 45 -19.23 -12.41 -12.76
CA ILE A 45 -19.73 -13.79 -12.64
C ILE A 45 -18.67 -14.74 -13.16
N LYS A 46 -18.09 -14.44 -14.34
CA LYS A 46 -17.09 -15.31 -14.93
C LYS A 46 -15.79 -15.31 -14.15
N LEU A 47 -15.44 -14.18 -13.54
CA LEU A 47 -14.23 -14.07 -12.73
C LEU A 47 -14.38 -14.95 -11.50
N ILE A 48 -15.53 -14.91 -10.87
CA ILE A 48 -15.80 -15.72 -9.69
C ILE A 48 -15.87 -17.20 -10.02
N GLU A 49 -16.37 -17.55 -11.23
CA GLU A 49 -16.44 -18.95 -11.61
C GLU A 49 -15.03 -19.51 -11.72
N ARG A 50 -14.15 -18.76 -12.40
CA ARG A 50 -12.76 -19.16 -12.62
C ARG A 50 -11.95 -19.10 -11.33
N LEU A 51 -12.39 -18.27 -10.40
CA LEU A 51 -11.78 -18.11 -9.07
C LEU A 51 -11.91 -19.41 -8.27
N THR A 52 -13.00 -20.14 -8.50
CA THR A 52 -13.34 -21.37 -7.79
C THR A 52 -13.64 -22.45 -8.82
N TYR A 53 -12.77 -22.59 -9.81
CA TYR A 53 -12.96 -23.48 -10.93
C TYR A 53 -12.81 -24.95 -10.56
N HIS A 54 -13.68 -25.81 -11.10
CA HIS A 54 -13.70 -27.23 -10.79
C HIS A 54 -12.50 -28.04 -11.29
N MET A 55 -11.89 -27.69 -12.44
CA MET A 55 -10.84 -28.51 -13.04
C MET A 55 -9.48 -28.46 -12.35
N TYR A 56 -9.10 -27.34 -11.75
CA TYR A 56 -7.79 -27.23 -11.09
C TYR A 56 -7.76 -26.09 -10.10
N ALA A 57 -6.72 -26.08 -9.28
CA ALA A 57 -6.44 -25.02 -8.33
C ALA A 57 -5.76 -23.87 -9.07
N ASP A 58 -5.99 -22.62 -8.66
CA ASP A 58 -5.38 -21.42 -9.27
C ASP A 58 -4.89 -20.43 -8.13
N PRO A 59 -3.87 -20.82 -7.32
CA PRO A 59 -3.36 -19.97 -6.19
C PRO A 59 -3.01 -18.54 -6.64
N ASN A 60 -2.40 -18.37 -7.82
CA ASN A 60 -2.02 -17.05 -8.34
C ASN A 60 -3.25 -16.20 -8.63
N PHE A 61 -4.29 -16.79 -9.24
CA PHE A 61 -5.51 -16.04 -9.51
C PHE A 61 -6.25 -15.71 -8.21
N VAL A 62 -6.21 -16.63 -7.24
CA VAL A 62 -6.87 -16.40 -5.95
C VAL A 62 -6.23 -15.20 -5.25
N ARG A 63 -4.88 -15.15 -5.24
CA ARG A 63 -4.10 -14.07 -4.61
C ARG A 63 -4.37 -12.71 -5.28
N THR A 64 -4.26 -12.70 -6.61
CA THR A 64 -4.45 -11.49 -7.43
C THR A 64 -5.86 -10.97 -7.32
N PHE A 65 -6.85 -11.86 -7.44
CA PHE A 65 -8.24 -11.46 -7.37
C PHE A 65 -8.56 -10.87 -6.00
N LEU A 66 -8.10 -11.50 -4.92
CA LEU A 66 -8.42 -11.04 -3.58
C LEU A 66 -7.71 -9.71 -3.21
N THR A 67 -6.59 -9.43 -3.86
CA THR A 67 -5.87 -8.18 -3.68
C THR A 67 -6.55 -7.03 -4.47
N THR A 68 -7.11 -7.35 -5.64
CA THR A 68 -7.62 -6.33 -6.56
C THR A 68 -9.12 -6.20 -6.75
N TYR A 69 -9.93 -7.11 -6.20
CA TYR A 69 -11.35 -7.12 -6.51
C TYR A 69 -12.15 -5.88 -6.07
N ARG A 70 -11.68 -5.12 -5.06
CA ARG A 70 -12.42 -3.95 -4.57
C ARG A 70 -12.54 -2.86 -5.66
N SER A 71 -11.62 -2.86 -6.64
CA SER A 71 -11.68 -1.95 -7.77
C SER A 71 -12.82 -2.30 -8.77
N PHE A 72 -13.46 -3.46 -8.67
CA PHE A 72 -14.60 -3.79 -9.55
C PHE A 72 -15.79 -4.43 -8.86
N CYS A 73 -15.71 -4.66 -7.54
CA CYS A 73 -16.75 -5.40 -6.82
C CYS A 73 -16.68 -5.08 -5.34
N LYS A 74 -17.81 -4.86 -4.68
CA LYS A 74 -17.83 -4.59 -3.23
C LYS A 74 -17.58 -5.90 -2.39
N PRO A 75 -16.90 -5.83 -1.22
CA PRO A 75 -16.75 -7.01 -0.31
C PRO A 75 -18.09 -7.75 -0.11
N GLN A 76 -19.18 -7.00 0.12
CA GLN A 76 -20.52 -7.57 0.33
C GLN A 76 -21.01 -8.35 -0.89
N GLU A 77 -20.84 -7.75 -2.08
CA GLU A 77 -21.22 -8.34 -3.38
C GLU A 77 -20.43 -9.63 -3.62
N LEU A 78 -19.13 -9.61 -3.28
CA LEU A 78 -18.23 -10.76 -3.41
C LEU A 78 -18.70 -11.90 -2.52
N LEU A 79 -19.10 -11.61 -1.27
CA LEU A 79 -19.59 -12.62 -0.35
C LEU A 79 -20.89 -13.24 -0.88
N SER A 80 -21.77 -12.42 -1.46
CA SER A 80 -23.03 -12.92 -2.06
C SER A 80 -22.75 -13.85 -3.21
N LEU A 81 -21.80 -13.47 -4.06
CA LEU A 81 -21.46 -14.24 -5.23
C LEU A 81 -20.80 -15.55 -4.88
N ILE A 82 -19.92 -15.59 -3.86
CA ILE A 82 -19.29 -16.87 -3.55
C ILE A 82 -20.29 -17.81 -2.86
N ILE A 83 -21.26 -17.25 -2.09
CA ILE A 83 -22.30 -18.06 -1.43
C ILE A 83 -23.16 -18.65 -2.56
N GLU A 84 -23.56 -17.80 -3.50
CA GLU A 84 -24.31 -18.23 -4.69
C GLU A 84 -23.58 -19.34 -5.44
N ARG A 85 -22.27 -19.18 -5.63
CA ARG A 85 -21.40 -20.16 -6.29
C ARG A 85 -21.38 -21.50 -5.52
N PHE A 86 -21.46 -21.43 -4.19
CA PHE A 86 -21.40 -22.58 -3.30
C PHE A 86 -22.67 -23.44 -3.37
N GLU A 87 -23.85 -22.79 -3.38
CA GLU A 87 -25.16 -23.44 -3.40
C GLU A 87 -25.47 -24.00 -4.80
N ILE A 88 -24.84 -25.12 -5.17
CA ILE A 88 -25.02 -25.77 -6.48
C ILE A 88 -26.32 -26.66 -6.50
N PRO A 89 -27.36 -26.38 -7.34
CA PRO A 89 -28.53 -27.30 -7.49
C PRO A 89 -28.06 -28.53 -8.27
N GLU A 90 -28.75 -29.64 -8.16
CA GLU A 90 -28.41 -30.82 -8.96
C GLU A 90 -29.16 -30.70 -10.31
N PRO A 91 -28.57 -31.06 -11.49
CA PRO A 91 -29.32 -31.04 -12.78
C PRO A 91 -30.54 -31.98 -12.63
N GLU A 92 -31.73 -31.57 -13.11
CA GLU A 92 -32.96 -32.39 -13.06
C GLU A 92 -32.70 -33.80 -13.72
N PRO A 93 -33.27 -34.94 -13.21
CA PRO A 93 -33.03 -36.29 -13.82
C PRO A 93 -33.42 -36.26 -15.28
N THR A 94 -32.76 -37.06 -16.10
CA THR A 94 -33.10 -37.13 -17.52
C THR A 94 -34.46 -37.85 -17.63
N GLU A 95 -35.13 -37.81 -18.80
CA GLU A 95 -36.40 -38.51 -18.96
C GLU A 95 -36.27 -40.01 -18.66
N ALA A 96 -35.15 -40.62 -19.07
CA ALA A 96 -34.86 -42.02 -18.85
C ALA A 96 -34.71 -42.34 -17.36
N ASP A 97 -34.07 -41.43 -16.60
CA ASP A 97 -33.85 -41.56 -15.16
C ASP A 97 -35.16 -41.42 -14.42
N ARG A 98 -36.01 -40.49 -14.87
CA ARG A 98 -37.31 -40.20 -14.29
C ARG A 98 -38.26 -41.38 -14.52
N ILE A 99 -38.09 -42.10 -15.64
CA ILE A 99 -38.92 -43.24 -15.97
C ILE A 99 -38.59 -44.40 -15.02
N ALA A 100 -37.29 -44.58 -14.70
CA ALA A 100 -36.85 -45.60 -13.76
C ALA A 100 -37.43 -45.33 -12.36
N ILE A 101 -37.60 -44.04 -12.02
CA ILE A 101 -38.20 -43.63 -10.74
C ILE A 101 -39.70 -43.95 -10.74
N GLU A 102 -40.42 -43.69 -11.86
CA GLU A 102 -41.83 -44.06 -12.00
C GLU A 102 -42.03 -45.54 -11.64
N ASN A 103 -41.14 -46.37 -12.19
CA ASN A 103 -41.14 -47.83 -12.08
C ASN A 103 -40.73 -48.37 -10.71
N GLY A 104 -40.35 -47.52 -9.77
CA GLY A 104 -39.91 -47.94 -8.46
C GLY A 104 -38.47 -48.41 -8.41
N ASP A 105 -37.72 -48.20 -9.50
CA ASP A 105 -36.32 -48.59 -9.63
C ASP A 105 -35.36 -47.44 -9.23
N GLN A 106 -34.09 -47.79 -9.04
CA GLN A 106 -32.98 -46.91 -8.72
C GLN A 106 -32.08 -46.74 -10.00
N PRO A 107 -32.11 -45.58 -10.72
CA PRO A 107 -31.27 -45.39 -11.95
C PRO A 107 -29.79 -45.42 -11.57
N LEU A 108 -28.90 -45.78 -12.50
CA LEU A 108 -27.47 -45.74 -12.22
C LEU A 108 -27.02 -44.32 -11.82
N SER A 109 -27.67 -43.27 -12.38
CA SER A 109 -27.33 -41.86 -12.16
C SER A 109 -25.81 -41.62 -12.26
N ALA A 110 -25.18 -42.18 -13.29
CA ALA A 110 -23.74 -42.05 -13.53
C ALA A 110 -23.29 -40.60 -13.63
N GLU A 111 -24.01 -39.82 -14.44
CA GLU A 111 -23.71 -38.40 -14.66
C GLU A 111 -23.98 -37.56 -13.42
N LEU A 112 -24.99 -37.91 -12.63
CA LEU A 112 -25.28 -37.21 -11.39
C LEU A 112 -24.16 -37.49 -10.36
N LYS A 113 -23.83 -38.76 -10.15
CA LYS A 113 -22.70 -39.13 -9.27
C LYS A 113 -21.43 -38.40 -9.70
N ARG A 114 -21.19 -38.35 -11.03
CA ARG A 114 -20.00 -37.71 -11.56
C ARG A 114 -20.01 -36.19 -11.35
N PHE A 115 -21.19 -35.57 -11.45
CA PHE A 115 -21.35 -34.14 -11.26
C PHE A 115 -21.04 -33.78 -9.80
N ARG A 116 -21.51 -34.61 -8.88
CA ARG A 116 -21.26 -34.37 -7.45
C ARG A 116 -19.78 -34.45 -7.15
N LYS A 117 -19.15 -35.44 -7.74
CA LYS A 117 -17.73 -35.75 -7.52
C LYS A 117 -16.76 -34.79 -8.20
N GLU A 118 -16.93 -34.57 -9.50
CA GLU A 118 -16.00 -33.78 -10.28
C GLU A 118 -16.35 -32.30 -10.34
N TYR A 119 -17.60 -31.93 -10.03
CA TYR A 119 -18.03 -30.53 -10.08
C TYR A 119 -18.44 -29.98 -8.72
N ILE A 120 -19.43 -30.56 -8.05
CA ILE A 120 -19.87 -30.02 -6.76
C ILE A 120 -18.75 -29.96 -5.73
N GLN A 121 -18.09 -31.08 -5.44
CA GLN A 121 -17.09 -31.09 -4.38
C GLN A 121 -15.84 -30.15 -4.66
N PRO A 122 -15.15 -30.19 -5.85
CA PRO A 122 -14.02 -29.28 -6.18
C PRO A 122 -14.41 -27.80 -6.04
N VAL A 123 -15.60 -27.42 -6.50
CA VAL A 123 -16.07 -26.04 -6.45
C VAL A 123 -16.36 -25.59 -5.03
N GLN A 124 -17.19 -26.33 -4.26
CA GLN A 124 -17.46 -25.99 -2.86
C GLN A 124 -16.17 -25.87 -2.05
N LEU A 125 -15.23 -26.76 -2.29
CA LEU A 125 -13.90 -26.76 -1.69
C LEU A 125 -13.10 -25.50 -2.08
N ARG A 126 -13.14 -25.11 -3.35
CA ARG A 126 -12.41 -23.95 -3.83
C ARG A 126 -13.03 -22.68 -3.30
N VAL A 127 -14.35 -22.68 -3.07
CA VAL A 127 -15.04 -21.53 -2.46
C VAL A 127 -14.50 -21.38 -1.02
N LEU A 128 -14.35 -22.50 -0.32
CA LEU A 128 -13.86 -22.49 1.05
C LEU A 128 -12.40 -22.08 1.11
N ASN A 129 -11.59 -22.48 0.11
CA ASN A 129 -10.19 -22.06 0.07
C ASN A 129 -10.12 -20.53 -0.14
N VAL A 130 -11.04 -19.99 -0.96
CA VAL A 130 -11.10 -18.55 -1.24
C VAL A 130 -11.43 -17.82 0.07
N CYS A 131 -12.45 -18.28 0.78
CA CYS A 131 -12.87 -17.75 2.08
C CYS A 131 -11.69 -17.72 3.06
N ARG A 132 -10.92 -18.82 3.11
CA ARG A 132 -9.76 -18.96 4.00
C ARG A 132 -8.68 -17.94 3.62
N HIS A 133 -8.38 -17.80 2.33
CA HIS A 133 -7.42 -16.81 1.83
C HIS A 133 -7.90 -15.38 2.11
N TRP A 134 -9.21 -15.17 1.99
CA TRP A 134 -9.86 -13.88 2.23
C TRP A 134 -9.63 -13.42 3.70
N VAL A 135 -9.95 -14.26 4.68
CA VAL A 135 -9.80 -13.91 6.10
C VAL A 135 -8.34 -13.84 6.53
N GLU A 136 -7.46 -14.64 5.92
CA GLU A 136 -6.06 -14.64 6.31
C GLU A 136 -5.33 -13.39 5.83
N HIS A 137 -5.46 -13.06 4.54
CA HIS A 137 -4.72 -11.97 3.95
C HIS A 137 -5.45 -10.66 3.86
N HIS A 138 -6.79 -10.65 3.92
CA HIS A 138 -7.55 -9.42 3.83
C HIS A 138 -8.53 -9.29 4.92
N PHE A 139 -8.07 -9.52 6.15
CA PHE A 139 -8.94 -9.47 7.30
C PHE A 139 -9.58 -8.07 7.48
N TYR A 140 -8.85 -7.03 7.06
CA TYR A 140 -9.33 -5.64 7.11
C TYR A 140 -10.71 -5.43 6.46
N ASP A 141 -11.10 -6.23 5.45
CA ASP A 141 -12.45 -6.14 4.88
C ASP A 141 -13.51 -6.37 5.97
N PHE A 142 -13.22 -7.34 6.85
CA PHE A 142 -14.10 -7.78 7.93
C PHE A 142 -14.05 -6.81 9.11
N GLU A 143 -12.89 -6.17 9.36
CA GLU A 143 -12.72 -5.18 10.42
C GLU A 143 -13.52 -3.91 10.08
N ARG A 144 -13.54 -3.53 8.81
CA ARG A 144 -14.20 -2.31 8.33
C ARG A 144 -15.71 -2.48 8.23
N ASP A 145 -16.19 -3.72 8.12
CA ASP A 145 -17.59 -4.05 7.96
C ASP A 145 -17.93 -5.27 8.81
N ALA A 146 -18.39 -5.02 10.06
CA ALA A 146 -18.81 -6.05 11.01
C ALA A 146 -19.88 -6.98 10.44
N TYR A 147 -20.80 -6.42 9.65
CA TYR A 147 -21.87 -7.17 9.00
C TYR A 147 -21.30 -8.17 7.99
N LEU A 148 -20.20 -7.80 7.33
CA LEU A 148 -19.52 -8.68 6.39
C LEU A 148 -19.06 -9.92 7.13
N LEU A 149 -18.49 -9.71 8.33
CA LEU A 149 -18.00 -10.79 9.17
C LEU A 149 -19.16 -11.62 9.71
N GLN A 150 -20.28 -10.99 10.13
CA GLN A 150 -21.47 -11.73 10.55
C GLN A 150 -21.88 -12.69 9.42
N ARG A 151 -21.97 -12.16 8.20
CA ARG A 151 -22.40 -12.94 7.05
C ARG A 151 -21.44 -14.10 6.79
N MET A 152 -20.12 -13.84 6.86
CA MET A 152 -19.13 -14.90 6.62
C MET A 152 -19.28 -16.01 7.65
N GLU A 153 -19.41 -15.64 8.91
CA GLU A 153 -19.54 -16.58 10.04
C GLU A 153 -20.81 -17.40 9.91
N GLU A 154 -21.92 -16.74 9.57
CA GLU A 154 -23.20 -17.41 9.40
C GLU A 154 -23.06 -18.41 8.26
N PHE A 155 -22.52 -17.97 7.13
CA PHE A 155 -22.28 -18.84 5.97
C PHE A 155 -21.46 -20.09 6.30
N ILE A 156 -20.24 -19.93 6.84
CA ILE A 156 -19.38 -21.10 7.10
C ILE A 156 -20.03 -22.04 8.13
N GLY A 157 -20.85 -21.49 9.04
CA GLY A 157 -21.59 -22.26 10.03
C GLY A 157 -22.66 -23.17 9.45
N THR A 158 -23.10 -22.95 8.18
CA THR A 158 -24.11 -23.78 7.53
C THR A 158 -23.47 -24.91 6.69
N VAL A 159 -22.14 -24.89 6.53
CA VAL A 159 -21.44 -25.87 5.73
C VAL A 159 -21.44 -27.22 6.45
N ARG A 160 -21.85 -28.31 5.77
CA ARG A 160 -21.92 -29.67 6.32
C ARG A 160 -20.97 -30.59 5.61
N GLY A 161 -20.54 -31.65 6.27
CA GLY A 161 -19.62 -32.64 5.72
C GLY A 161 -18.30 -32.64 6.46
N LYS A 162 -17.68 -33.81 6.65
CA LYS A 162 -16.43 -33.95 7.42
C LYS A 162 -15.25 -33.23 6.75
N ALA A 163 -14.99 -33.55 5.48
CA ALA A 163 -13.93 -32.94 4.67
C ALA A 163 -14.00 -31.40 4.71
N MET A 164 -15.19 -30.89 4.47
CA MET A 164 -15.51 -29.46 4.45
C MET A 164 -15.40 -28.84 5.82
N LYS A 165 -15.76 -29.59 6.86
CA LYS A 165 -15.70 -29.06 8.21
C LYS A 165 -14.24 -28.77 8.64
N LYS A 166 -13.22 -29.42 8.02
CA LYS A 166 -11.83 -29.07 8.31
C LYS A 166 -11.51 -27.67 7.77
N TRP A 167 -12.12 -27.31 6.64
CA TRP A 167 -11.95 -26.00 6.04
C TRP A 167 -12.64 -24.98 6.91
N VAL A 168 -13.86 -25.27 7.38
CA VAL A 168 -14.61 -24.36 8.25
C VAL A 168 -13.82 -24.15 9.55
N GLU A 169 -13.18 -25.22 10.05
CA GLU A 169 -12.40 -25.11 11.27
C GLU A 169 -11.19 -24.20 11.04
N SER A 170 -10.53 -24.32 9.90
CA SER A 170 -9.38 -23.47 9.57
C SER A 170 -9.80 -21.99 9.49
N ILE A 171 -10.92 -21.74 8.86
CA ILE A 171 -11.43 -20.37 8.69
C ILE A 171 -11.79 -19.79 10.06
N THR A 172 -12.37 -20.63 10.93
CA THR A 172 -12.78 -20.21 12.27
C THR A 172 -11.54 -19.83 13.09
N LYS A 173 -10.55 -20.73 13.09
CA LYS A 173 -9.25 -20.53 13.72
C LYS A 173 -8.66 -19.17 13.31
N ILE A 174 -8.63 -18.88 12.00
CA ILE A 174 -8.03 -17.65 11.49
C ILE A 174 -8.79 -16.45 12.01
N ILE A 175 -10.12 -16.48 11.85
CA ILE A 175 -10.97 -15.38 12.29
C ILE A 175 -10.65 -15.03 13.76
N GLN A 176 -10.50 -16.04 14.62
CA GLN A 176 -10.20 -15.83 16.04
C GLN A 176 -8.81 -15.20 16.22
N ARG A 177 -7.79 -15.80 15.60
CA ARG A 177 -6.43 -15.24 15.61
C ARG A 177 -6.43 -13.74 15.18
N LYS A 178 -7.19 -13.40 14.13
CA LYS A 178 -7.25 -12.03 13.62
C LYS A 178 -8.00 -11.08 14.57
N LYS A 179 -8.99 -11.58 15.32
CA LYS A 179 -9.74 -10.76 16.26
C LYS A 179 -8.86 -10.42 17.45
N ILE A 180 -8.12 -11.42 17.96
CA ILE A 180 -7.21 -11.27 19.09
C ILE A 180 -6.16 -10.22 18.76
N ALA A 181 -5.60 -10.31 17.56
CA ALA A 181 -4.57 -9.41 17.09
C ALA A 181 -5.20 -8.13 16.55
N HIS A 188 0.82 -6.79 19.21
CA HIS A 188 1.91 -6.05 18.58
C HIS A 188 3.28 -6.20 19.33
N ASN A 189 3.77 -7.42 19.32
CA ASN A 189 5.01 -7.90 19.96
C ASN A 189 6.20 -7.24 19.26
N ILE A 190 7.04 -6.51 19.97
CA ILE A 190 8.14 -5.94 19.24
C ILE A 190 9.42 -6.60 19.80
N THR A 191 10.24 -7.03 18.85
CA THR A 191 11.47 -7.78 19.03
C THR A 191 12.73 -6.99 18.60
N PHE A 192 13.59 -6.59 19.55
CA PHE A 192 14.84 -5.92 19.25
C PHE A 192 15.91 -6.99 19.11
N GLN A 193 16.51 -7.12 17.93
CA GLN A 193 17.55 -8.14 17.67
C GLN A 193 18.84 -7.76 18.39
N SER A 194 19.05 -6.45 18.55
CA SER A 194 20.22 -5.86 19.17
C SER A 194 19.75 -4.81 20.17
N SER A 195 20.66 -4.23 20.95
N SER A 195 20.67 -4.23 20.94
CA SER A 195 20.25 -3.26 21.96
CA SER A 195 20.31 -3.26 21.97
C SER A 195 20.29 -1.88 21.33
C SER A 195 20.30 -1.88 21.32
N PRO A 196 19.13 -1.23 21.34
CA PRO A 196 18.99 0.11 20.75
C PRO A 196 19.94 1.19 21.35
N PRO A 197 20.49 2.07 20.47
CA PRO A 197 21.43 3.15 20.89
C PRO A 197 20.68 4.15 21.79
N THR A 198 21.42 5.00 22.54
N THR A 198 21.42 4.99 22.55
CA THR A 198 20.83 5.91 23.49
CA THR A 198 20.80 5.88 23.49
C THR A 198 20.23 7.02 22.71
C THR A 198 20.21 6.99 22.70
N VAL A 199 19.05 7.42 23.23
CA VAL A 199 18.27 8.51 22.59
C VAL A 199 19.08 9.78 22.68
N GLU A 200 19.21 10.55 21.60
CA GLU A 200 20.03 11.75 21.52
C GLU A 200 19.21 13.03 21.72
N TRP A 201 19.77 14.01 22.47
CA TRP A 201 19.14 15.30 22.72
C TRP A 201 20.13 16.41 22.41
N HIS A 202 19.66 17.61 22.13
CA HIS A 202 20.48 18.74 21.72
C HIS A 202 20.09 19.97 22.53
N ILE A 203 19.34 20.95 21.99
CA ILE A 203 18.94 22.14 22.76
C ILE A 203 17.70 21.86 23.57
N SER A 204 16.67 21.36 22.92
CA SER A 204 15.41 21.02 23.61
C SER A 204 15.74 19.95 24.63
N ARG A 205 15.33 20.13 25.89
N ARG A 205 15.31 20.14 25.87
CA ARG A 205 15.66 19.17 26.93
CA ARG A 205 15.57 19.23 26.98
C ARG A 205 14.56 18.11 26.86
C ARG A 205 14.55 18.12 26.85
N PRO A 206 14.84 16.85 27.26
CA PRO A 206 13.81 15.80 27.23
C PRO A 206 12.49 16.21 27.87
N GLY A 207 11.37 16.07 27.16
CA GLY A 207 10.06 16.37 27.68
C GLY A 207 9.62 17.81 27.49
N HIS A 208 10.54 18.69 27.09
CA HIS A 208 10.26 20.10 26.81
C HIS A 208 9.72 20.21 25.38
N ILE A 209 8.50 19.73 25.17
CA ILE A 209 7.89 19.63 23.84
C ILE A 209 7.64 20.99 23.18
N GLU A 210 7.41 22.03 23.98
CA GLU A 210 7.09 23.36 23.48
C GLU A 210 8.25 23.96 22.68
N THR A 211 9.50 23.54 22.96
CA THR A 211 10.68 24.04 22.24
C THR A 211 11.09 23.16 21.05
N PHE A 212 10.38 22.04 20.81
CA PHE A 212 10.76 21.11 19.75
C PHE A 212 10.68 21.76 18.38
N ASP A 213 11.76 21.68 17.61
CA ASP A 213 11.85 22.26 16.26
C ASP A 213 12.99 21.60 15.52
N LEU A 214 13.10 21.88 14.22
CA LEU A 214 14.17 21.36 13.37
C LEU A 214 15.59 21.45 13.96
N LEU A 215 16.00 22.62 14.43
CA LEU A 215 17.36 22.84 14.93
C LEU A 215 17.51 22.54 16.42
N THR A 216 16.41 22.49 17.19
CA THR A 216 16.47 22.29 18.64
C THR A 216 16.55 20.81 19.03
N LEU A 217 15.93 19.92 18.25
CA LEU A 217 16.02 18.48 18.48
C LEU A 217 17.33 18.03 17.88
N HIS A 218 17.86 16.86 18.27
CA HIS A 218 19.10 16.34 17.73
C HIS A 218 18.91 15.83 16.26
N PRO A 219 19.77 16.20 15.26
CA PRO A 219 19.62 15.71 13.85
C PRO A 219 19.46 14.19 13.82
N ILE A 220 20.30 13.49 14.60
CA ILE A 220 20.25 12.04 14.75
C ILE A 220 18.88 11.57 15.19
N GLU A 221 18.34 12.17 16.27
CA GLU A 221 17.06 11.71 16.78
C GLU A 221 15.91 12.05 15.86
N ILE A 222 15.95 13.21 15.21
CA ILE A 222 14.94 13.53 14.20
C ILE A 222 14.91 12.40 13.16
N ALA A 223 16.09 12.03 12.66
CA ALA A 223 16.20 10.98 11.64
C ALA A 223 15.76 9.60 12.17
N ARG A 224 16.08 9.25 13.43
CA ARG A 224 15.65 7.95 13.99
C ARG A 224 14.14 7.92 14.19
N GLN A 225 13.55 8.97 14.73
CA GLN A 225 12.11 9.00 15.00
C GLN A 225 11.27 9.08 13.73
N LEU A 226 11.77 9.77 12.71
CA LEU A 226 11.10 9.86 11.43
C LEU A 226 11.21 8.52 10.73
N THR A 227 12.31 7.77 10.95
CA THR A 227 12.50 6.45 10.36
C THR A 227 11.53 5.45 10.96
N LEU A 228 11.33 5.50 12.28
CA LEU A 228 10.42 4.62 12.99
C LEU A 228 9.00 4.87 12.55
N LEU A 229 8.67 6.15 12.44
CA LEU A 229 7.34 6.60 12.06
C LEU A 229 7.06 6.17 10.62
N GLU A 230 8.02 6.37 9.73
CA GLU A 230 7.89 6.01 8.33
C GLU A 230 7.95 4.53 8.10
N SER A 231 8.67 3.78 8.96
CA SER A 231 8.72 2.31 8.84
C SER A 231 7.32 1.74 9.16
N ASP A 232 6.69 2.25 10.22
CA ASP A 232 5.35 1.85 10.63
C ASP A 232 4.32 2.24 9.58
N LEU A 233 4.41 3.46 9.03
CA LEU A 233 3.44 3.92 8.01
C LEU A 233 3.54 3.05 6.77
N TYR A 234 4.76 2.71 6.36
CA TYR A 234 5.03 1.89 5.17
C TYR A 234 4.51 0.46 5.35
N ARG A 235 4.78 -0.12 6.51
CA ARG A 235 4.40 -1.48 6.88
C ARG A 235 2.87 -1.63 6.98
N ALA A 236 2.17 -0.53 7.30
CA ALA A 236 0.70 -0.53 7.47
C ALA A 236 -0.04 -0.46 6.14
N VAL A 237 0.65 -0.22 5.01
CA VAL A 237 -0.03 -0.13 3.73
C VAL A 237 -0.25 -1.52 3.13
N GLN A 238 -1.49 -1.94 2.97
CA GLN A 238 -1.83 -3.22 2.35
C GLN A 238 -1.81 -3.06 0.79
N PRO A 239 -1.29 -4.05 0.03
CA PRO A 239 -1.32 -4.02 -1.47
C PRO A 239 -2.62 -3.51 -2.09
N SER A 240 -3.77 -3.96 -1.56
CA SER A 240 -5.11 -3.64 -2.08
C SER A 240 -5.42 -2.14 -1.99
N GLU A 241 -4.77 -1.42 -1.06
CA GLU A 241 -4.98 0.00 -0.92
C GLU A 241 -4.49 0.82 -2.12
N LEU A 242 -3.58 0.25 -2.93
CA LEU A 242 -3.01 0.93 -4.07
C LEU A 242 -3.70 0.57 -5.39
N VAL A 243 -4.77 -0.26 -5.37
CA VAL A 243 -5.49 -0.71 -6.56
C VAL A 243 -6.71 0.18 -6.81
N GLY A 244 -6.88 0.67 -8.05
CA GLY A 244 -7.98 1.57 -8.42
C GLY A 244 -8.27 2.69 -7.45
N SER A 245 -7.21 3.32 -6.89
CA SER A 245 -7.32 4.40 -5.93
C SER A 245 -6.25 5.53 -6.09
N VAL A 246 -5.46 5.50 -7.16
CA VAL A 246 -4.33 6.40 -7.37
C VAL A 246 -4.68 7.86 -7.65
N TRP A 247 -5.80 8.15 -8.32
N TRP A 247 -5.82 8.16 -8.33
CA TRP A 247 -6.15 9.54 -8.60
CA TRP A 247 -6.16 9.56 -8.60
C TRP A 247 -6.96 10.13 -7.44
C TRP A 247 -6.96 10.14 -7.45
N THR A 248 -7.39 9.33 -6.47
CA THR A 248 -8.04 9.88 -5.26
C THR A 248 -7.19 9.58 -4.02
N LYS A 249 -5.85 9.51 -4.17
CA LYS A 249 -4.90 9.26 -3.08
C LYS A 249 -5.18 10.03 -1.78
N GLU A 250 -5.47 11.34 -1.91
CA GLU A 250 -5.63 12.28 -0.80
C GLU A 250 -7.01 12.25 -0.15
N ASP A 251 -7.99 11.59 -0.79
CA ASP A 251 -9.36 11.53 -0.30
C ASP A 251 -9.50 10.43 0.73
N LYS A 252 -10.33 10.66 1.76
CA LYS A 252 -10.57 9.69 2.81
C LYS A 252 -11.52 8.65 2.25
N GLU A 253 -10.97 7.50 1.90
CA GLU A 253 -11.68 6.41 1.27
C GLU A 253 -11.53 5.17 2.12
N ILE A 254 -12.55 4.32 2.16
CA ILE A 254 -12.57 3.19 3.07
C ILE A 254 -11.52 2.11 2.76
N ASN A 255 -11.17 1.94 1.49
CA ASN A 255 -10.20 0.92 1.08
C ASN A 255 -8.76 1.41 1.18
N SER A 256 -8.48 2.68 1.58
CA SER A 256 -7.13 3.26 1.56
C SER A 256 -6.67 4.16 2.80
N PRO A 257 -7.06 3.86 4.07
CA PRO A 257 -6.65 4.70 5.25
C PRO A 257 -5.14 4.82 5.45
N ASN A 258 -4.41 3.73 5.23
CA ASN A 258 -2.95 3.68 5.42
C ASN A 258 -2.24 4.36 4.25
N LEU A 259 -2.73 4.16 2.99
CA LEU A 259 -2.20 4.89 1.84
C LEU A 259 -2.29 6.41 2.11
N LEU A 260 -3.46 6.86 2.56
CA LEU A 260 -3.72 8.27 2.84
C LEU A 260 -2.78 8.78 3.94
N LYS A 261 -2.60 7.99 5.00
CA LYS A 261 -1.74 8.41 6.10
C LYS A 261 -0.28 8.50 5.64
N MET A 262 0.15 7.57 4.78
CA MET A 262 1.54 7.59 4.28
C MET A 262 1.84 8.81 3.42
N ILE A 263 0.93 9.11 2.49
CA ILE A 263 1.06 10.24 1.56
C ILE A 263 1.00 11.57 2.32
N ARG A 264 0.02 11.71 3.23
CA ARG A 264 -0.12 12.88 4.11
C ARG A 264 1.21 13.14 4.84
N HIS A 265 1.81 12.08 5.42
CA HIS A 265 3.08 12.21 6.13
C HIS A 265 4.17 12.75 5.20
N THR A 266 4.28 12.15 4.02
CA THR A 266 5.35 12.51 3.07
C THR A 266 5.19 13.95 2.65
N THR A 267 3.95 14.32 2.38
CA THR A 267 3.63 15.68 1.96
C THR A 267 3.97 16.66 3.08
N ASN A 268 3.51 16.38 4.30
CA ASN A 268 3.71 17.24 5.45
C ASN A 268 5.19 17.41 5.80
N LEU A 269 5.99 16.32 5.73
CA LEU A 269 7.40 16.42 6.05
C LEU A 269 8.18 17.21 5.01
N THR A 270 7.91 16.93 3.74
CA THR A 270 8.60 17.58 2.64
C THR A 270 8.28 19.05 2.67
N LEU A 271 6.99 19.42 2.87
CA LEU A 271 6.62 20.85 2.92
C LEU A 271 7.14 21.53 4.17
N TRP A 272 7.33 20.75 5.26
CA TRP A 272 7.89 21.27 6.51
C TRP A 272 9.37 21.63 6.32
N PHE A 273 10.16 20.74 5.72
CA PHE A 273 11.56 21.07 5.41
C PHE A 273 11.62 22.39 4.61
N GLU A 274 10.85 22.47 3.54
CA GLU A 274 10.71 23.67 2.69
C GLU A 274 10.37 24.93 3.49
N LYS A 275 9.31 24.86 4.29
CA LYS A 275 8.87 25.95 5.17
C LYS A 275 10.00 26.37 6.10
N CYS A 276 10.63 25.42 6.79
CA CYS A 276 11.77 25.69 7.69
C CYS A 276 12.86 26.45 6.96
N ILE A 277 13.07 26.14 5.68
CA ILE A 277 14.10 26.81 4.90
C ILE A 277 13.67 28.25 4.52
N VAL A 278 12.57 28.41 3.76
CA VAL A 278 12.20 29.73 3.23
C VAL A 278 11.68 30.72 4.28
N GLU A 279 11.15 30.25 5.41
CA GLU A 279 10.66 31.15 6.46
C GLU A 279 11.78 31.62 7.38
N THR A 280 13.01 31.09 7.18
CA THR A 280 14.20 31.52 7.90
C THR A 280 14.84 32.56 6.99
N GLU A 281 14.46 33.82 7.14
CA GLU A 281 14.92 34.89 6.24
C GLU A 281 16.39 35.27 6.45
N ASN A 282 16.93 35.14 7.68
CA ASN A 282 18.34 35.45 7.94
C ASN A 282 19.22 34.42 7.21
N LEU A 283 20.16 34.86 6.39
CA LEU A 283 21.03 33.97 5.60
C LEU A 283 21.77 32.94 6.43
N GLU A 284 22.44 33.38 7.50
CA GLU A 284 23.24 32.51 8.38
C GLU A 284 22.36 31.43 8.97
N GLU A 285 21.17 31.81 9.42
CA GLU A 285 20.24 30.87 10.00
C GLU A 285 19.70 29.92 8.96
N ARG A 286 19.40 30.42 7.75
CA ARG A 286 18.88 29.58 6.69
C ARG A 286 19.94 28.55 6.26
N VAL A 287 21.21 28.94 6.25
CA VAL A 287 22.30 28.03 5.92
C VAL A 287 22.34 26.90 6.97
N ALA A 288 22.16 27.24 8.26
CA ALA A 288 22.15 26.26 9.36
C ALA A 288 20.98 25.30 9.23
N VAL A 289 19.83 25.79 8.77
CA VAL A 289 18.65 24.96 8.56
C VAL A 289 18.94 23.96 7.44
N VAL A 290 19.40 24.44 6.28
CA VAL A 290 19.69 23.59 5.12
C VAL A 290 20.73 22.54 5.47
N SER A 291 21.79 22.96 6.16
CA SER A 291 22.87 22.07 6.58
C SER A 291 22.34 20.99 7.52
N ARG A 292 21.42 21.36 8.44
CA ARG A 292 20.83 20.42 9.38
C ARG A 292 19.98 19.39 8.65
N ILE A 293 19.25 19.82 7.61
CA ILE A 293 18.42 18.92 6.81
C ILE A 293 19.32 17.92 6.05
N ILE A 294 20.48 18.36 5.59
CA ILE A 294 21.39 17.45 4.88
C ILE A 294 21.97 16.46 5.90
N GLU A 295 22.15 16.89 7.15
CA GLU A 295 22.59 16.02 8.25
C GLU A 295 21.54 14.96 8.55
N ILE A 296 20.25 15.35 8.57
CA ILE A 296 19.16 14.40 8.78
C ILE A 296 19.18 13.38 7.61
N LEU A 297 19.45 13.86 6.40
CA LEU A 297 19.53 12.96 5.25
C LEU A 297 20.66 11.93 5.42
N GLN A 298 21.84 12.37 5.89
CA GLN A 298 22.98 11.48 6.14
C GLN A 298 22.58 10.34 7.05
N VAL A 299 21.92 10.67 8.17
CA VAL A 299 21.48 9.68 9.12
C VAL A 299 20.39 8.79 8.47
N PHE A 300 19.45 9.37 7.70
CA PHE A 300 18.48 8.57 6.93
C PHE A 300 19.21 7.53 6.05
N GLN A 301 20.28 7.94 5.38
CA GLN A 301 21.08 7.06 4.52
C GLN A 301 21.74 5.94 5.30
N GLU A 302 22.33 6.24 6.46
CA GLU A 302 22.96 5.23 7.29
C GLU A 302 21.89 4.27 7.85
N LEU A 303 20.66 4.75 8.03
CA LEU A 303 19.54 3.92 8.44
C LEU A 303 18.85 3.19 7.27
N ASN A 304 19.33 3.32 6.03
CA ASN A 304 18.65 2.80 4.83
C ASN A 304 17.18 3.26 4.76
N ASN A 305 16.89 4.48 5.17
CA ASN A 305 15.54 5.00 5.07
C ASN A 305 15.51 5.78 3.78
N PHE A 306 15.21 5.11 2.67
CA PHE A 306 15.21 5.78 1.37
C PHE A 306 14.02 6.69 1.20
N ASN A 307 12.91 6.39 1.90
CA ASN A 307 11.74 7.25 1.85
C ASN A 307 12.11 8.64 2.39
N GLY A 308 12.85 8.67 3.49
CA GLY A 308 13.30 9.90 4.13
C GLY A 308 14.30 10.63 3.27
N VAL A 309 15.29 9.90 2.73
CA VAL A 309 16.28 10.44 1.81
C VAL A 309 15.57 11.17 0.70
N LEU A 310 14.60 10.51 0.07
CA LEU A 310 13.93 11.09 -1.08
C LEU A 310 12.93 12.18 -0.71
N GLU A 311 12.49 12.23 0.56
CA GLU A 311 11.65 13.33 1.03
C GLU A 311 12.52 14.61 1.12
N VAL A 312 13.78 14.44 1.56
CA VAL A 312 14.72 15.55 1.68
C VAL A 312 15.07 16.04 0.27
N VAL A 313 15.29 15.12 -0.67
CA VAL A 313 15.60 15.47 -2.04
C VAL A 313 14.48 16.27 -2.71
N SER A 314 13.23 15.90 -2.46
N SER A 314 13.20 15.91 -2.45
CA SER A 314 12.06 16.52 -3.11
CA SER A 314 12.04 16.56 -3.12
C SER A 314 11.96 17.97 -2.63
C SER A 314 11.97 17.99 -2.63
N ALA A 315 12.09 18.09 -1.26
CA ALA A 315 12.22 19.42 -0.61
C ALA A 315 13.36 20.30 -1.16
N MET A 316 14.57 19.73 -1.37
CA MET A 316 15.73 20.48 -1.88
C MET A 316 15.56 20.82 -3.37
N ASN A 317 14.74 20.04 -4.07
CA ASN A 317 14.43 20.23 -5.49
C ASN A 317 13.20 21.09 -5.73
N SER A 318 12.46 21.49 -4.68
CA SER A 318 11.24 22.27 -4.90
C SER A 318 11.61 23.65 -5.43
N SER A 319 10.73 24.25 -6.24
CA SER A 319 10.98 25.59 -6.79
C SER A 319 11.41 26.67 -5.71
N PRO A 320 10.81 26.75 -4.50
CA PRO A 320 11.26 27.73 -3.47
C PRO A 320 12.69 27.50 -2.99
N VAL A 321 13.15 26.23 -2.88
CA VAL A 321 14.45 25.89 -2.30
C VAL A 321 15.56 25.84 -3.36
N TYR A 322 15.27 25.27 -4.52
CA TYR A 322 16.27 25.07 -5.57
C TYR A 322 16.97 26.37 -6.04
N ARG A 323 16.25 27.47 -6.02
CA ARG A 323 16.76 28.75 -6.49
C ARG A 323 17.62 29.53 -5.46
N LEU A 324 17.80 29.02 -4.24
CA LEU A 324 18.52 29.73 -3.16
C LEU A 324 20.03 29.60 -3.29
N ASP A 325 20.58 30.22 -4.32
CA ASP A 325 22.01 30.15 -4.66
C ASP A 325 22.92 30.64 -3.53
N HIS A 326 22.58 31.76 -2.86
CA HIS A 326 23.38 32.29 -1.76
C HIS A 326 23.43 31.35 -0.56
N THR A 327 22.33 30.62 -0.29
CA THR A 327 22.28 29.65 0.81
C THR A 327 23.19 28.47 0.51
N PHE A 328 23.04 27.91 -0.68
CA PHE A 328 23.81 26.75 -1.11
C PHE A 328 25.27 27.06 -1.39
N GLU A 329 25.62 28.35 -1.54
CA GLU A 329 27.00 28.75 -1.75
C GLU A 329 27.78 28.56 -0.44
N GLN A 330 27.12 28.73 0.72
CA GLN A 330 27.73 28.60 2.05
C GLN A 330 27.76 27.18 2.60
N ILE A 331 27.21 26.20 1.87
CA ILE A 331 27.18 24.81 2.30
C ILE A 331 28.53 24.07 1.99
N PRO A 332 29.18 23.40 3.00
CA PRO A 332 30.39 22.55 2.76
C PRO A 332 30.23 21.66 1.53
N SER A 333 31.25 21.57 0.65
CA SER A 333 31.16 20.71 -0.55
C SER A 333 30.88 19.25 -0.22
N ARG A 334 31.32 18.75 0.94
CA ARG A 334 31.03 17.39 1.37
C ARG A 334 29.51 17.21 1.54
N GLN A 335 28.82 18.24 2.03
CA GLN A 335 27.36 18.23 2.21
C GLN A 335 26.64 18.35 0.88
N LYS A 336 27.16 19.18 -0.03
CA LYS A 336 26.60 19.38 -1.37
C LYS A 336 26.68 18.07 -2.15
N LYS A 337 27.86 17.38 -2.08
CA LYS A 337 28.09 16.08 -2.72
C LYS A 337 27.04 15.07 -2.26
N ILE A 338 26.82 15.02 -0.96
CA ILE A 338 25.79 14.14 -0.38
C ILE A 338 24.43 14.35 -1.05
N LEU A 339 23.99 15.61 -1.12
CA LEU A 339 22.69 15.97 -1.66
C LEU A 339 22.64 15.76 -3.17
N GLU A 340 23.75 16.02 -3.85
CA GLU A 340 23.88 15.84 -5.29
C GLU A 340 23.75 14.35 -5.63
N GLU A 341 24.46 13.48 -4.88
CA GLU A 341 24.40 12.04 -5.07
C GLU A 341 23.02 11.50 -4.70
N ALA A 342 22.38 12.09 -3.68
CA ALA A 342 21.04 11.71 -3.29
C ALA A 342 20.06 12.02 -4.43
N HIS A 343 20.22 13.15 -5.14
CA HIS A 343 19.34 13.44 -6.29
C HIS A 343 19.48 12.38 -7.41
N GLU A 344 20.72 11.93 -7.64
CA GLU A 344 21.10 10.99 -8.70
C GLU A 344 20.44 9.62 -8.51
N LEU A 345 19.98 9.33 -7.28
CA LEU A 345 19.15 8.16 -6.97
C LEU A 345 17.91 8.12 -7.86
N SER A 346 17.30 9.27 -8.15
CA SER A 346 16.05 9.35 -8.93
C SER A 346 16.21 9.43 -10.44
N GLU A 347 17.43 9.56 -10.94
CA GLU A 347 17.66 9.69 -12.37
C GLU A 347 17.42 8.38 -13.13
N ASP A 348 17.08 8.47 -14.42
CA ASP A 348 16.80 7.30 -15.26
C ASP A 348 15.78 6.36 -14.58
N HIS A 349 14.62 6.94 -14.22
CA HIS A 349 13.54 6.26 -13.49
C HIS A 349 14.02 5.48 -12.28
N TYR A 350 14.66 6.19 -11.34
CA TYR A 350 15.16 5.63 -10.09
C TYR A 350 16.14 4.42 -10.27
N LYS A 351 16.94 4.44 -11.34
CA LYS A 351 17.93 3.39 -11.65
C LYS A 351 18.90 3.08 -10.48
N LYS A 352 19.60 4.10 -9.97
CA LYS A 352 20.58 3.96 -8.89
C LYS A 352 19.90 3.59 -7.59
N TYR A 353 18.74 4.19 -7.35
CA TYR A 353 17.93 3.88 -6.18
C TYR A 353 17.62 2.37 -6.10
N LEU A 354 17.06 1.80 -7.16
CA LEU A 354 16.69 0.38 -7.19
C LEU A 354 17.92 -0.51 -6.98
N ALA A 355 19.08 -0.07 -7.49
CA ALA A 355 20.35 -0.79 -7.31
C ALA A 355 20.73 -0.86 -5.83
N LYS A 356 20.58 0.26 -5.10
CA LYS A 356 20.90 0.33 -3.67
C LYS A 356 19.89 -0.46 -2.85
N LEU A 357 18.61 -0.23 -3.10
CA LEU A 357 17.54 -0.93 -2.40
C LEU A 357 17.76 -2.47 -2.45
N ARG A 358 18.11 -2.99 -3.62
CA ARG A 358 18.30 -4.42 -3.83
C ARG A 358 19.65 -4.97 -3.37
N SER A 359 20.58 -4.11 -2.99
CA SER A 359 21.89 -4.52 -2.49
C SER A 359 22.06 -4.32 -0.97
N ILE A 360 21.24 -3.49 -0.34
CA ILE A 360 21.42 -3.23 1.10
C ILE A 360 20.87 -4.38 1.94
N ASN A 361 21.19 -4.37 3.22
CA ASN A 361 20.70 -5.31 4.22
C ASN A 361 19.51 -4.65 5.06
N PRO A 362 18.41 -5.38 5.41
CA PRO A 362 17.28 -4.81 6.26
C PRO A 362 17.75 -4.32 7.68
N PRO A 363 17.06 -3.50 8.55
CA PRO A 363 15.80 -2.73 8.40
C PRO A 363 16.08 -1.67 7.34
N CYS A 364 15.12 -1.44 6.46
CA CYS A 364 15.16 -0.37 5.48
C CYS A 364 13.75 0.15 5.33
N VAL A 365 13.59 1.36 4.82
CA VAL A 365 12.31 1.95 4.47
C VAL A 365 12.41 2.27 2.95
N PRO A 366 11.94 1.35 2.06
CA PRO A 366 11.91 1.60 0.59
C PRO A 366 11.21 2.93 0.30
N PHE A 367 11.62 3.60 -0.75
CA PHE A 367 11.00 4.82 -1.22
C PHE A 367 9.59 4.45 -1.69
N PHE A 368 8.56 5.00 -1.05
CA PHE A 368 7.20 4.61 -1.34
C PHE A 368 6.63 5.24 -2.63
N GLY A 369 6.98 6.50 -2.90
CA GLY A 369 6.56 7.25 -4.07
C GLY A 369 6.67 6.53 -5.41
N ILE A 370 7.73 5.75 -5.60
CA ILE A 370 7.97 5.03 -6.85
C ILE A 370 6.84 4.05 -7.18
N TYR A 371 6.23 3.43 -6.18
CA TYR A 371 5.14 2.47 -6.41
C TYR A 371 3.93 3.20 -6.91
N LEU A 372 3.69 4.42 -6.42
CA LEU A 372 2.54 5.23 -6.83
C LEU A 372 2.73 5.70 -8.24
N THR A 373 3.97 6.04 -8.60
CA THR A 373 4.32 6.50 -9.94
C THR A 373 4.09 5.35 -10.93
N ASN A 374 4.63 4.17 -10.63
CA ASN A 374 4.52 2.99 -11.49
C ASN A 374 3.08 2.51 -11.64
N ILE A 375 2.29 2.56 -10.56
CA ILE A 375 0.90 2.15 -10.61
C ILE A 375 0.12 3.12 -11.50
N LEU A 376 0.48 4.41 -11.46
CA LEU A 376 -0.14 5.44 -12.27
C LEU A 376 0.19 5.21 -13.75
N LYS A 377 1.47 4.94 -14.06
CA LYS A 377 1.96 4.59 -15.40
C LYS A 377 1.22 3.34 -15.94
N THR A 378 1.04 2.32 -15.11
CA THR A 378 0.36 1.09 -15.51
C THR A 378 -1.11 1.33 -15.78
N GLU A 379 -1.77 2.12 -14.94
CA GLU A 379 -3.19 2.36 -15.05
C GLU A 379 -3.54 3.45 -16.07
N GLU A 380 -2.59 4.37 -16.39
CA GLU A 380 -2.89 5.49 -17.27
C GLU A 380 -3.20 4.98 -18.68
N GLY A 381 -4.39 5.33 -19.18
CA GLY A 381 -4.84 4.93 -20.52
C GLY A 381 -5.25 3.47 -20.65
N ASN A 382 -5.20 2.71 -19.53
CA ASN A 382 -5.54 1.29 -19.44
C ASN A 382 -7.09 1.19 -19.17
N PRO A 383 -7.91 0.68 -20.13
CA PRO A 383 -9.39 0.68 -20.01
C PRO A 383 -9.90 -0.05 -18.76
N GLU A 384 -10.82 0.55 -18.02
CA GLU A 384 -11.49 -0.13 -16.91
C GLU A 384 -12.17 -1.44 -17.41
N VAL A 385 -12.78 -1.37 -18.59
CA VAL A 385 -13.50 -2.45 -19.26
C VAL A 385 -13.15 -2.65 -20.74
N LEU A 386 -13.48 -3.83 -21.24
CA LEU A 386 -13.45 -4.23 -22.64
C LEU A 386 -14.92 -4.35 -23.03
N LYS A 387 -15.27 -4.03 -24.26
CA LYS A 387 -16.62 -4.11 -24.74
C LYS A 387 -16.67 -5.09 -25.90
N ARG A 388 -17.48 -6.16 -25.81
CA ARG A 388 -17.62 -7.19 -26.84
C ARG A 388 -19.08 -7.49 -27.03
N HIS A 389 -19.60 -7.38 -28.27
CA HIS A 389 -21.01 -7.63 -28.60
C HIS A 389 -21.96 -6.79 -27.75
N GLY A 390 -21.57 -5.55 -27.48
CA GLY A 390 -22.34 -4.61 -26.68
C GLY A 390 -22.28 -4.81 -25.17
N LYS A 391 -21.67 -5.92 -24.72
CA LYS A 391 -21.53 -6.26 -23.31
C LYS A 391 -20.23 -5.71 -22.76
N GLU A 392 -20.17 -5.54 -21.44
CA GLU A 392 -19.03 -5.04 -20.69
C GLU A 392 -18.30 -6.16 -19.98
N LEU A 393 -16.98 -6.18 -20.05
CA LEU A 393 -16.11 -7.15 -19.39
C LEU A 393 -15.14 -6.37 -18.53
N ILE A 394 -14.93 -6.75 -17.27
CA ILE A 394 -13.96 -6.09 -16.39
C ILE A 394 -12.58 -6.33 -16.97
N ASN A 395 -11.73 -5.31 -17.05
CA ASN A 395 -10.37 -5.49 -17.55
C ASN A 395 -9.55 -6.02 -16.36
N PHE A 396 -9.43 -7.32 -16.26
CA PHE A 396 -8.70 -7.96 -15.18
C PHE A 396 -7.20 -7.83 -15.36
N SER A 397 -6.72 -7.91 -16.60
CA SER A 397 -5.30 -7.72 -16.90
C SER A 397 -4.76 -6.42 -16.26
N LYS A 398 -5.54 -5.32 -16.28
CA LYS A 398 -5.13 -4.05 -15.65
C LYS A 398 -4.89 -4.25 -14.16
N ARG A 399 -5.81 -4.98 -13.52
CA ARG A 399 -5.75 -5.29 -12.09
C ARG A 399 -4.51 -6.15 -11.81
N ARG A 400 -4.25 -7.15 -12.67
CA ARG A 400 -3.08 -8.03 -12.51
C ARG A 400 -1.76 -7.24 -12.57
N LYS A 401 -1.65 -6.29 -13.48
CA LYS A 401 -0.42 -5.50 -13.63
C LYS A 401 -0.14 -4.65 -12.38
N VAL A 402 -1.20 -4.09 -11.77
CA VAL A 402 -1.06 -3.31 -10.54
C VAL A 402 -0.61 -4.22 -9.42
N ALA A 403 -1.19 -5.44 -9.35
CA ALA A 403 -0.88 -6.44 -8.33
C ALA A 403 0.57 -6.91 -8.39
N GLU A 404 1.15 -6.92 -9.58
CA GLU A 404 2.56 -7.31 -9.74
C GLU A 404 3.45 -6.23 -9.12
N ILE A 405 3.06 -4.95 -9.26
CA ILE A 405 3.77 -3.83 -8.66
C ILE A 405 3.63 -3.83 -7.13
N THR A 406 2.41 -4.07 -6.61
CA THR A 406 2.15 -4.04 -5.16
C THR A 406 2.78 -5.22 -4.42
N GLY A 407 3.07 -6.31 -5.13
CA GLY A 407 3.68 -7.50 -4.57
C GLY A 407 5.09 -7.25 -4.08
N GLU A 408 5.76 -6.28 -4.71
CA GLU A 408 7.12 -5.85 -4.41
C GLU A 408 7.22 -5.15 -3.05
N ILE A 409 6.18 -4.43 -2.65
CA ILE A 409 6.13 -3.64 -1.41
C ILE A 409 6.23 -4.52 -0.17
N GLN A 410 5.60 -5.71 -0.25
CA GLN A 410 5.51 -6.69 0.84
C GLN A 410 6.83 -7.25 1.37
N GLN A 411 7.81 -7.48 0.47
CA GLN A 411 9.09 -8.12 0.78
C GLN A 411 9.93 -7.31 1.83
N TYR A 412 9.72 -5.98 1.91
CA TYR A 412 10.40 -5.06 2.84
C TYR A 412 9.49 -4.55 3.96
N GLN A 413 8.56 -5.36 4.46
CA GLN A 413 7.68 -4.94 5.55
C GLN A 413 7.90 -5.81 6.79
N ASN A 414 9.01 -6.59 6.84
CA ASN A 414 9.21 -7.54 7.92
C ASN A 414 10.40 -7.29 8.88
N GLN A 415 11.23 -6.23 8.75
CA GLN A 415 12.31 -6.04 9.74
C GLN A 415 12.18 -4.72 10.61
N PRO A 416 11.99 -4.87 11.95
CA PRO A 416 11.85 -3.71 12.87
C PRO A 416 13.23 -3.07 13.05
N TYR A 417 13.28 -1.74 13.20
CA TYR A 417 14.53 -1.06 13.43
C TYR A 417 14.88 -1.26 14.87
N CYS A 418 16.18 -1.39 15.16
N CYS A 418 16.20 -1.39 15.17
CA CYS A 418 16.72 -1.49 16.50
CA CYS A 418 16.71 -1.46 16.54
C CYS A 418 17.04 -0.07 16.97
C CYS A 418 17.04 -0.07 16.97
N LEU A 419 15.87 0.46 17.47
CA LEU A 419 15.69 1.91 17.75
C LEU A 419 14.54 2.14 18.72
N ARG A 420 14.77 2.95 19.77
CA ARG A 420 13.78 3.19 20.81
C ARG A 420 12.84 4.34 20.40
N VAL A 421 11.52 4.17 20.57
CA VAL A 421 10.56 5.21 20.24
C VAL A 421 10.69 6.28 21.31
N GLU A 422 10.61 7.56 20.92
CA GLU A 422 10.59 8.69 21.83
C GLU A 422 9.20 9.26 21.59
N SER A 423 8.25 9.02 22.50
CA SER A 423 6.85 9.46 22.37
C SER A 423 6.62 10.92 22.04
N ASP A 424 7.34 11.84 22.68
CA ASP A 424 7.12 13.27 22.43
C ASP A 424 7.61 13.68 21.05
N ILE A 425 8.74 13.13 20.60
CA ILE A 425 9.29 13.46 19.29
C ILE A 425 8.34 12.90 18.25
N LYS A 426 7.98 11.63 18.42
CA LYS A 426 7.01 10.93 17.57
C LYS A 426 5.73 11.78 17.37
N ARG A 427 5.17 12.30 18.45
CA ARG A 427 3.94 13.11 18.40
C ARG A 427 4.17 14.39 17.64
N PHE A 428 5.31 15.04 17.88
CA PHE A 428 5.70 16.23 17.14
C PHE A 428 5.68 16.00 15.61
N PHE A 429 6.27 14.91 15.16
CA PHE A 429 6.32 14.57 13.73
C PHE A 429 4.96 14.08 13.19
N GLU A 430 4.14 13.45 14.05
CA GLU A 430 2.80 13.02 13.65
C GLU A 430 1.87 14.23 13.47
N ASN A 431 2.11 15.31 14.22
CA ASN A 431 1.25 16.49 14.20
C ASN A 431 1.73 17.62 13.29
N LEU A 432 2.83 17.41 12.52
CA LEU A 432 3.28 18.42 11.55
C LEU A 432 2.14 18.83 10.61
N ASN A 433 1.91 20.14 10.48
CA ASN A 433 0.92 20.71 9.54
C ASN A 433 1.53 22.06 8.97
N PRO A 434 2.64 22.00 8.17
CA PRO A 434 3.28 23.22 7.58
C PRO A 434 2.30 24.10 6.81
N MET A 435 1.32 23.47 6.18
CA MET A 435 0.33 24.15 5.36
C MET A 435 -0.68 24.97 6.11
N GLY A 436 -0.99 24.60 7.36
CA GLY A 436 -2.03 25.28 8.12
C GLY A 436 -3.33 24.98 7.45
N ASN A 437 -4.08 26.00 7.03
CA ASN A 437 -5.34 25.79 6.30
C ASN A 437 -5.17 25.95 4.80
N SER A 438 -3.94 26.13 4.31
CA SER A 438 -3.72 26.30 2.88
C SER A 438 -3.80 24.98 2.14
N MET A 439 -4.10 25.05 0.84
CA MET A 439 -4.06 23.91 -0.08
C MET A 439 -2.62 23.81 -0.51
N GLU A 440 -2.19 22.66 -1.01
CA GLU A 440 -0.80 22.46 -1.40
C GLU A 440 -0.28 23.42 -2.45
N LYS A 441 -1.02 23.59 -3.55
CA LYS A 441 -0.56 24.45 -4.64
C LYS A 441 -0.36 25.88 -4.17
N GLU A 442 -1.31 26.39 -3.40
CA GLU A 442 -1.29 27.76 -2.93
C GLU A 442 -0.16 27.93 -1.93
N PHE A 443 0.04 26.93 -1.07
CA PHE A 443 1.13 26.96 -0.10
C PHE A 443 2.48 26.97 -0.82
N THR A 444 2.64 26.18 -1.88
CA THR A 444 3.91 26.14 -2.61
C THR A 444 4.14 27.47 -3.32
N ASP A 445 3.05 28.13 -3.79
CA ASP A 445 3.13 29.45 -4.41
C ASP A 445 3.61 30.46 -3.38
N TYR A 446 3.07 30.39 -2.17
CA TYR A 446 3.47 31.23 -1.04
C TYR A 446 4.97 31.00 -0.71
N LEU A 447 5.39 29.74 -0.69
CA LEU A 447 6.79 29.42 -0.41
C LEU A 447 7.71 30.00 -1.47
N PHE A 448 7.28 29.96 -2.73
CA PHE A 448 8.04 30.47 -3.86
C PHE A 448 8.23 32.00 -3.75
N ASN A 449 7.16 32.71 -3.37
CA ASN A 449 7.20 34.15 -3.17
C ASN A 449 8.06 34.53 -1.97
N LYS A 450 8.07 33.66 -0.93
CA LYS A 450 8.94 33.86 0.23
C LYS A 450 10.38 33.68 -0.21
N SER A 451 10.64 32.74 -1.12
CA SER A 451 11.97 32.52 -1.68
C SER A 451 12.48 33.79 -2.40
N LEU A 452 11.62 34.41 -3.20
CA LEU A 452 11.94 35.65 -3.92
C LEU A 452 12.24 36.80 -2.96
N GLU A 453 11.55 36.83 -1.85
CA GLU A 453 11.73 37.84 -0.84
C GLU A 453 13.10 37.69 -0.13
N ILE A 454 13.46 36.51 0.27
CA ILE A 454 14.70 36.29 1.03
C ILE A 454 15.94 36.32 0.12
N GLU A 455 15.78 35.95 -1.15
CA GLU A 455 16.84 35.96 -2.15
C GLU A 455 16.29 36.52 -3.49
N PRO A 456 16.09 37.87 -3.59
CA PRO A 456 15.56 38.54 -4.82
C PRO A 456 16.32 38.11 -6.08
N ARG A 457 15.69 38.15 -7.27
CA ARG A 457 16.37 37.76 -8.50
C ARG A 457 17.42 38.84 -8.84
N ASN A 458 18.54 38.43 -9.45
CA ASN A 458 19.76 39.22 -9.78
C ASN A 458 19.70 40.81 -9.71
N PRO A 459 18.90 41.55 -10.56
CA PRO A 459 18.86 43.05 -10.50
C PRO A 459 18.75 43.56 -9.04
N LYS A 460 17.82 42.95 -8.31
CA LYS A 460 17.50 43.28 -6.93
C LYS A 460 18.68 43.04 -5.90
N PRO A 461 18.93 44.00 -4.95
CA PRO A 461 19.99 43.86 -3.89
C PRO A 461 19.66 42.69 -2.96
N LEU A 462 20.66 42.04 -2.31
CA LEU A 462 20.40 40.94 -1.38
C LEU A 462 20.12 41.57 0.03
N PRO A 463 18.89 41.69 0.51
CA PRO A 463 18.61 42.32 1.83
C PRO A 463 19.10 41.49 2.99
N ARG A 464 19.37 42.11 4.13
CA ARG A 464 19.85 41.38 5.30
C ARG A 464 18.72 41.34 6.28
N PHE A 465 18.40 40.19 6.88
CA PHE A 465 17.24 39.98 7.75
C PHE A 465 17.58 39.77 9.27
N PRO A 466 16.67 40.15 10.22
CA PRO A 466 16.88 39.93 11.68
C PRO A 466 16.96 38.43 11.98
N LYS A 467 17.69 38.04 13.05
CA LYS A 467 17.75 36.66 13.46
C LYS A 467 16.42 36.32 14.12
N LYS A 468 15.89 35.12 13.91
CA LYS A 468 14.67 34.68 14.59
C LYS A 468 14.97 33.63 15.66
N TYR A 469 16.20 33.09 15.73
CA TYR A 469 16.59 32.06 16.68
C TYR A 469 17.63 32.60 17.66
N SER A 470 17.46 32.40 18.95
CA SER A 470 18.45 32.85 19.95
C SER A 470 19.30 31.72 20.52
N TYR A 471 19.08 30.47 20.12
CA TYR A 471 19.87 29.30 20.58
C TYR A 471 21.10 29.08 19.61
N PRO A 472 22.20 28.38 20.04
CA PRO A 472 23.36 28.06 19.16
C PRO A 472 22.91 27.44 17.83
N LEU A 473 23.44 27.88 16.67
CA LEU A 473 23.09 27.27 15.38
C LEU A 473 23.99 26.09 15.10
N LYS A 474 25.13 25.99 15.82
CA LYS A 474 26.07 24.88 15.65
C LYS A 474 25.39 23.51 15.83
N SER A 475 25.62 22.61 14.89
CA SER A 475 25.04 21.28 14.98
C SER A 475 25.87 20.32 15.91
N PRO A 476 25.20 19.45 16.70
CA PRO A 476 25.91 18.41 17.52
C PRO A 476 26.61 17.38 16.61
N GLY A 477 26.20 17.30 15.34
CA GLY A 477 26.78 16.40 14.35
C GLY A 477 25.97 15.13 14.21
N VAL A 478 26.41 14.21 13.36
CA VAL A 478 25.72 12.95 13.06
C VAL A 478 26.37 11.73 13.74
N ARG A 479 27.42 11.92 14.57
CA ARG A 479 28.07 10.82 15.29
C ARG A 479 27.35 10.60 16.67
N PRO A 480 26.95 9.35 17.05
CA PRO A 480 26.38 9.06 18.40
C PRO A 480 27.28 9.55 19.55
N SER A 481 26.69 9.91 20.71
CA SER A 481 27.40 10.47 21.87
C SER A 481 27.87 9.39 22.85
#